data_5PRN
#
_entry.id   5PRN
#
_cell.length_a   104.600
_cell.length_b   104.600
_cell.length_c   124.660
_cell.angle_alpha   90.00
_cell.angle_beta   90.00
_cell.angle_gamma   120.00
#
_symmetry.space_group_name_H-M   'H 3'
#
loop_
_entity.id
_entity.type
_entity.pdbx_description
1 polymer PORIN
2 non-polymer (HYDROXYETHYLOXY)TRI(ETHYLOXY)OCTANE
3 water water
#
_entity_poly.entity_id   1
_entity_poly.type   'polypeptide(L)'
_entity_poly.pdbx_seq_one_letter_code
;MISLNGYGRFGLQYVEDRGVGLEDTIISSRLRINIVGTTETDQGVTFGAKLRMQWDDGDAFAGTAGNAAQFWTSYNGVTV
SVGNVDTAFDSVALTWDSEMGYEASSFGDAQSSFFAYNWKYDASGALDNYNGIAVTYSISGVNLYLSYVDPDQTVDSSLV
TEEFGIAADWSNDMISLAAAYTTDAGGIVDNDIAFVGAAYKFNDAGTVGLNWYDNGLSTAGDQVTLYGNYAFGATTVRAY
VSDIDRAGADTAYGIGADYQFAEGVKVSGSVQSGFANETVADVGVRFDF
;
_entity_poly.pdbx_strand_id   A
#
loop_
_chem_comp.id
_chem_comp.type
_chem_comp.name
_chem_comp.formula
C8E non-polymer (HYDROXYETHYLOXY)TRI(ETHYLOXY)OCTANE 'C16 H34 O5'
#
# COMPACT_ATOMS: atom_id res chain seq x y z
N MET A 1 -12.85 -24.05 6.54
CA MET A 1 -12.89 -23.74 5.09
C MET A 1 -11.59 -23.06 4.61
N ILE A 2 -11.12 -23.44 3.43
CA ILE A 2 -9.93 -22.85 2.86
C ILE A 2 -10.26 -22.20 1.55
N SER A 3 -9.96 -20.93 1.30
CA SER A 3 -10.20 -20.41 -0.05
C SER A 3 -8.87 -19.82 -0.62
N LEU A 4 -8.85 -19.83 -1.94
CA LEU A 4 -7.73 -19.35 -2.71
C LEU A 4 -8.23 -18.26 -3.67
N ASN A 5 -7.53 -17.15 -3.74
CA ASN A 5 -7.86 -16.07 -4.65
C ASN A 5 -6.55 -15.43 -5.07
N GLY A 6 -6.59 -14.54 -6.05
CA GLY A 6 -5.36 -13.86 -6.42
C GLY A 6 -5.51 -13.05 -7.68
N TYR A 7 -4.34 -12.73 -8.27
CA TYR A 7 -4.35 -11.97 -9.49
C TYR A 7 -3.04 -12.20 -10.25
N GLY A 8 -3.13 -11.98 -11.55
CA GLY A 8 -1.87 -11.99 -12.33
C GLY A 8 -1.85 -10.60 -13.02
N ARG A 9 -0.67 -10.11 -13.28
CA ARG A 9 -0.50 -8.90 -14.09
C ARG A 9 0.77 -9.00 -14.92
N PHE A 10 0.70 -8.39 -16.13
CA PHE A 10 1.92 -8.37 -16.96
C PHE A 10 1.88 -7.17 -17.89
N GLY A 11 3.04 -6.71 -18.37
CA GLY A 11 2.97 -5.50 -19.22
C GLY A 11 4.40 -5.01 -19.47
N LEU A 12 4.52 -3.80 -19.94
CA LEU A 12 5.82 -3.20 -20.26
C LEU A 12 6.13 -2.15 -19.21
N GLN A 13 7.35 -2.16 -18.72
CA GLN A 13 7.75 -1.17 -17.70
C GLN A 13 8.99 -0.45 -18.27
N TYR A 14 8.88 0.86 -18.40
CA TYR A 14 9.94 1.69 -18.98
C TYR A 14 10.48 2.68 -17.95
N VAL A 15 11.82 2.69 -17.84
CA VAL A 15 12.55 3.58 -16.96
C VAL A 15 13.61 4.29 -17.84
N GLU A 16 13.41 5.58 -18.11
CA GLU A 16 14.35 6.28 -19.03
C GLU A 16 15.78 6.21 -18.49
N ASP A 17 16.71 5.73 -19.32
CA ASP A 17 18.10 5.62 -18.90
C ASP A 17 18.24 4.87 -17.61
N ARG A 18 17.74 3.64 -17.54
CA ARG A 18 17.82 2.82 -16.33
C ARG A 18 19.21 2.53 -15.83
N GLY A 19 20.22 2.38 -16.69
CA GLY A 19 21.57 2.05 -16.12
C GLY A 19 22.47 1.61 -17.26
N VAL A 20 23.77 1.75 -17.05
CA VAL A 20 24.76 1.38 -18.07
C VAL A 20 24.62 -0.09 -18.46
N GLY A 21 24.42 -0.37 -19.74
CA GLY A 21 24.27 -1.75 -20.19
C GLY A 21 22.98 -2.43 -19.75
N LEU A 22 21.94 -1.67 -19.42
CA LEU A 22 20.66 -2.22 -19.01
C LEU A 22 19.61 -1.80 -20.04
N GLU A 23 18.63 -2.66 -20.25
CA GLU A 23 17.51 -2.34 -21.14
C GLU A 23 16.61 -1.36 -20.41
N ASP A 24 16.13 -0.32 -21.03
CA ASP A 24 15.25 0.64 -20.37
C ASP A 24 13.82 0.03 -20.23
N THR A 25 13.45 -0.74 -21.22
CA THR A 25 12.13 -1.37 -21.23
C THR A 25 12.19 -2.86 -20.94
N ILE A 26 11.47 -3.34 -19.91
CA ILE A 26 11.41 -4.76 -19.62
C ILE A 26 9.91 -5.20 -19.47
N ILE A 27 9.70 -6.51 -19.49
CA ILE A 27 8.36 -7.05 -19.27
C ILE A 27 8.24 -7.36 -17.78
N SER A 28 7.45 -6.57 -17.09
CA SER A 28 7.34 -6.76 -15.63
C SER A 28 6.01 -7.44 -15.31
N SER A 29 6.05 -8.44 -14.45
CA SER A 29 4.89 -9.30 -14.21
C SER A 29 4.87 -9.80 -12.78
N ARG A 30 3.66 -10.09 -12.31
CA ARG A 30 3.51 -10.52 -10.92
C ARG A 30 2.42 -11.58 -10.85
N LEU A 31 2.61 -12.62 -10.06
CA LEU A 31 1.56 -13.55 -9.74
C LEU A 31 1.36 -13.53 -8.21
N ARG A 32 0.15 -13.29 -7.74
CA ARG A 32 -0.13 -13.31 -6.31
C ARG A 32 -1.25 -14.32 -6.02
N ILE A 33 -0.99 -15.23 -5.10
CA ILE A 33 -1.97 -16.21 -4.64
C ILE A 33 -2.17 -16.03 -3.12
N ASN A 34 -3.42 -15.83 -2.70
CA ASN A 34 -3.73 -15.72 -1.27
C ASN A 34 -4.40 -17.03 -0.82
N ILE A 35 -3.96 -17.60 0.28
CA ILE A 35 -4.54 -18.84 0.85
C ILE A 35 -5.15 -18.39 2.18
N VAL A 36 -6.44 -18.53 2.32
CA VAL A 36 -7.13 -18.07 3.53
C VAL A 36 -7.90 -19.19 4.21
N GLY A 37 -7.56 -19.51 5.46
CA GLY A 37 -8.34 -20.58 6.14
C GLY A 37 -9.28 -19.87 7.12
N THR A 38 -10.55 -20.22 7.19
CA THR A 38 -11.44 -19.52 8.12
C THR A 38 -12.28 -20.54 8.89
N THR A 39 -12.53 -20.24 10.18
CA THR A 39 -13.33 -21.12 11.01
C THR A 39 -14.46 -20.22 11.57
N GLU A 40 -15.68 -20.46 11.12
CA GLU A 40 -16.82 -19.65 11.59
C GLU A 40 -17.55 -20.40 12.70
N THR A 41 -18.00 -19.68 13.71
CA THR A 41 -18.65 -20.35 14.86
C THR A 41 -20.11 -19.85 14.97
N ASP A 42 -20.95 -20.61 15.68
CA ASP A 42 -22.32 -20.16 15.91
C ASP A 42 -22.38 -19.07 16.97
N GLN A 43 -21.29 -18.76 17.68
CA GLN A 43 -21.26 -17.71 18.66
C GLN A 43 -21.02 -16.35 17.97
N GLY A 44 -20.78 -16.35 16.67
CA GLY A 44 -20.54 -15.09 15.95
C GLY A 44 -19.08 -14.66 15.94
N VAL A 45 -18.14 -15.50 16.35
CA VAL A 45 -16.74 -15.20 16.35
C VAL A 45 -16.08 -15.92 15.16
N THR A 46 -15.37 -15.20 14.32
CA THR A 46 -14.70 -15.91 13.20
C THR A 46 -13.21 -15.98 13.49
N PHE A 47 -12.58 -17.07 13.15
CA PHE A 47 -11.11 -17.18 13.30
C PHE A 47 -10.57 -17.37 11.87
N GLY A 48 -9.44 -16.72 11.57
CA GLY A 48 -8.88 -16.88 10.24
C GLY A 48 -7.35 -16.85 10.27
N ALA A 49 -6.81 -17.42 9.23
CA ALA A 49 -5.37 -17.46 9.00
C ALA A 49 -5.15 -17.20 7.50
N LYS A 50 -4.03 -16.47 7.24
CA LYS A 50 -3.73 -16.27 5.82
C LYS A 50 -2.26 -16.37 5.53
N LEU A 51 -2.00 -16.81 4.31
CA LEU A 51 -0.66 -16.96 3.79
C LEU A 51 -0.67 -16.37 2.36
N ARG A 52 0.46 -15.82 1.91
CA ARG A 52 0.55 -15.36 0.53
C ARG A 52 1.75 -16.01 -0.18
N MET A 53 1.55 -16.30 -1.46
CA MET A 53 2.63 -16.81 -2.31
C MET A 53 2.66 -15.81 -3.48
N GLN A 54 3.73 -15.01 -3.52
CA GLN A 54 3.81 -14.01 -4.57
C GLN A 54 5.13 -14.15 -5.32
N TRP A 55 5.09 -14.05 -6.63
CA TRP A 55 6.27 -14.06 -7.49
C TRP A 55 6.26 -12.76 -8.30
N ASP A 56 7.42 -12.15 -8.44
CA ASP A 56 7.66 -10.98 -9.31
C ASP A 56 8.83 -11.25 -10.25
N ASP A 57 8.82 -10.63 -11.45
CA ASP A 57 9.96 -10.86 -12.36
C ASP A 57 11.23 -10.38 -11.67
N GLY A 58 12.35 -11.07 -11.90
CA GLY A 58 13.60 -10.64 -11.20
C GLY A 58 13.75 -11.30 -9.85
N ASP A 59 12.74 -12.03 -9.32
CA ASP A 59 12.90 -12.61 -7.97
C ASP A 59 14.04 -13.64 -7.98
N ALA A 60 14.78 -13.64 -6.90
CA ALA A 60 15.93 -14.50 -6.71
C ALA A 60 15.51 -15.95 -6.82
N PHE A 61 16.31 -16.77 -7.46
CA PHE A 61 16.15 -18.20 -7.62
C PHE A 61 15.08 -18.60 -8.63
N ALA A 62 14.31 -17.69 -9.21
CA ALA A 62 13.22 -17.99 -10.13
C ALA A 62 12.26 -18.96 -9.42
N GLY A 63 11.95 -18.66 -8.16
CA GLY A 63 11.04 -19.53 -7.37
C GLY A 63 10.07 -18.68 -6.53
N THR A 64 9.09 -19.37 -5.95
CA THR A 64 8.04 -18.70 -5.21
C THR A 64 7.89 -19.50 -3.90
N ALA A 65 7.74 -18.77 -2.83
CA ALA A 65 7.50 -19.38 -1.52
C ALA A 65 6.38 -18.58 -0.82
N GLY A 66 6.00 -19.07 0.32
CA GLY A 66 4.96 -18.43 1.15
C GLY A 66 5.71 -17.42 2.08
N ASN A 67 4.94 -16.50 2.60
CA ASN A 67 5.44 -15.50 3.54
C ASN A 67 5.19 -16.01 4.97
N ALA A 68 5.24 -15.12 5.95
CA ALA A 68 4.94 -15.50 7.33
C ALA A 68 3.44 -15.27 7.54
N ALA A 69 2.88 -16.12 8.39
CA ALA A 69 1.43 -16.14 8.57
C ALA A 69 0.86 -14.95 9.36
N GLN A 70 -0.44 -14.75 9.10
CA GLN A 70 -1.20 -13.71 9.79
C GLN A 70 -2.42 -14.43 10.41
N PHE A 71 -2.81 -14.15 11.61
CA PHE A 71 -3.96 -14.79 12.25
C PHE A 71 -4.95 -13.67 12.68
N TRP A 72 -6.23 -13.98 12.71
CA TRP A 72 -7.18 -12.97 13.18
C TRP A 72 -8.38 -13.64 13.84
N THR A 73 -9.04 -12.80 14.68
CA THR A 73 -10.25 -13.13 15.36
C THR A 73 -11.19 -11.90 15.18
N SER A 74 -12.39 -12.13 14.72
CA SER A 74 -13.37 -11.10 14.48
C SER A 74 -14.69 -11.31 15.24
N TYR A 75 -15.21 -10.23 15.80
CA TYR A 75 -16.48 -10.32 16.53
C TYR A 75 -17.10 -8.91 16.60
N ASN A 76 -18.33 -8.82 16.10
CA ASN A 76 -19.08 -7.58 16.18
C ASN A 76 -18.37 -6.37 15.63
N GLY A 77 -17.82 -6.45 14.43
CA GLY A 77 -17.15 -5.29 13.85
C GLY A 77 -15.70 -5.13 14.32
N VAL A 78 -15.28 -5.78 15.37
CA VAL A 78 -13.91 -5.62 15.87
C VAL A 78 -13.03 -6.77 15.32
N THR A 79 -11.84 -6.47 14.88
CA THR A 79 -10.94 -7.55 14.43
C THR A 79 -9.60 -7.38 15.15
N VAL A 80 -9.10 -8.47 15.72
CA VAL A 80 -7.76 -8.43 16.31
C VAL A 80 -6.89 -9.41 15.48
N SER A 81 -5.75 -8.94 15.00
CA SER A 81 -4.84 -9.72 14.16
C SER A 81 -3.49 -9.79 14.85
N VAL A 82 -2.79 -10.90 14.54
CA VAL A 82 -1.51 -11.19 15.12
C VAL A 82 -0.56 -11.88 14.15
N GLY A 83 0.73 -11.53 14.27
CA GLY A 83 1.79 -12.10 13.48
C GLY A 83 2.24 -11.13 12.41
N ASN A 84 2.00 -11.48 11.13
CA ASN A 84 2.39 -10.56 10.02
C ASN A 84 1.17 -9.72 9.72
N VAL A 85 0.94 -8.63 10.44
CA VAL A 85 -0.22 -7.80 10.36
C VAL A 85 -0.13 -6.63 9.38
N ASP A 86 -1.33 -6.15 9.03
CA ASP A 86 -1.53 -4.92 8.34
C ASP A 86 -1.40 -3.80 9.38
N THR A 87 -0.66 -2.76 9.06
CA THR A 87 -0.42 -1.67 9.98
C THR A 87 -1.33 -0.46 9.70
N ALA A 88 -1.42 0.38 10.71
CA ALA A 88 -2.36 1.54 10.59
C ALA A 88 -2.02 2.51 9.49
N PHE A 89 -0.74 2.84 9.33
CA PHE A 89 -0.36 3.86 8.34
C PHE A 89 -0.56 3.30 6.92
N ASP A 90 -0.42 1.97 6.79
CA ASP A 90 -0.61 1.35 5.48
C ASP A 90 -2.07 1.09 5.18
N SER A 91 -2.94 0.92 6.18
CA SER A 91 -4.31 0.56 5.92
C SER A 91 -5.34 1.69 5.85
N VAL A 92 -5.09 2.88 6.35
CA VAL A 92 -6.04 3.99 6.28
C VAL A 92 -6.46 4.24 4.85
N ALA A 93 -7.68 4.83 4.67
CA ALA A 93 -8.12 5.21 3.33
C ALA A 93 -7.35 6.43 2.83
N LEU A 94 -7.48 6.62 1.54
CA LEU A 94 -7.02 7.80 0.79
C LEU A 94 -5.51 7.90 0.50
N THR A 95 -4.71 7.42 1.41
CA THR A 95 -3.24 7.62 1.33
C THR A 95 -2.64 7.07 0.07
N TRP A 96 -3.15 6.02 -0.58
CA TRP A 96 -2.60 5.46 -1.80
C TRP A 96 -3.38 5.82 -3.03
N ASP A 97 -4.39 6.68 -2.93
CA ASP A 97 -5.27 6.96 -4.07
C ASP A 97 -4.75 7.75 -5.21
N SER A 98 -3.48 8.17 -5.21
CA SER A 98 -2.95 8.81 -6.41
C SER A 98 -2.33 7.77 -7.34
N GLU A 99 -2.19 6.52 -6.91
CA GLU A 99 -1.51 5.49 -7.70
C GLU A 99 -2.18 5.29 -9.04
N MET A 100 -1.38 4.96 -10.04
CA MET A 100 -1.86 4.77 -11.40
C MET A 100 -0.96 3.79 -12.16
N GLY A 101 -1.41 3.44 -13.36
CA GLY A 101 -0.69 2.52 -14.20
C GLY A 101 -0.98 1.07 -13.76
N TYR A 102 -0.49 0.12 -14.51
CA TYR A 102 -0.77 -1.31 -14.18
C TYR A 102 0.03 -1.79 -12.97
N GLU A 103 1.00 -1.02 -12.52
CA GLU A 103 1.78 -1.43 -11.33
C GLU A 103 1.37 -0.58 -10.12
N ALA A 104 0.30 0.18 -10.25
CA ALA A 104 -0.22 0.99 -9.16
C ALA A 104 0.87 1.77 -8.46
N SER A 105 1.55 2.67 -9.17
CA SER A 105 2.63 3.41 -8.51
C SER A 105 2.37 4.92 -8.65
N SER A 106 3.10 5.68 -7.80
CA SER A 106 2.98 7.13 -7.83
C SER A 106 4.11 7.71 -6.97
N PHE A 107 4.77 8.73 -7.49
CA PHE A 107 5.73 9.53 -6.71
C PHE A 107 4.98 10.31 -5.64
N GLY A 108 3.69 10.51 -5.78
CA GLY A 108 2.85 11.21 -4.80
C GLY A 108 2.51 10.35 -3.56
N ASP A 109 2.89 9.06 -3.52
CA ASP A 109 2.69 8.25 -2.32
C ASP A 109 3.70 8.74 -1.25
N ALA A 110 3.50 8.47 -0.01
CA ALA A 110 4.39 8.91 1.07
C ALA A 110 5.83 8.49 0.84
N GLN A 111 6.78 9.39 1.12
CA GLN A 111 8.20 9.07 0.94
C GLN A 111 8.84 8.67 2.26
N SER A 112 8.12 8.10 3.20
CA SER A 112 8.71 7.70 4.50
C SER A 112 8.92 6.20 4.55
N SER A 113 9.56 5.71 5.58
CA SER A 113 9.79 4.30 5.85
C SER A 113 8.90 3.85 7.01
N PHE A 114 8.18 2.76 6.85
CA PHE A 114 7.30 2.34 7.96
C PHE A 114 7.00 0.85 7.77
N PHE A 115 6.62 0.15 8.84
CA PHE A 115 6.30 -1.28 8.66
C PHE A 115 4.96 -1.45 7.93
N ALA A 116 4.86 -2.57 7.24
CA ALA A 116 3.58 -2.90 6.52
C ALA A 116 3.58 -4.42 6.31
N TYR A 117 2.39 -4.94 5.97
CA TYR A 117 2.30 -6.40 5.74
C TYR A 117 3.47 -6.88 4.89
N ASN A 118 4.18 -7.93 5.25
CA ASN A 118 5.34 -8.40 4.44
C ASN A 118 4.88 -9.42 3.42
N TRP A 119 4.99 -9.12 2.14
CA TRP A 119 4.47 -10.02 1.13
C TRP A 119 5.25 -11.31 0.89
N LYS A 120 6.54 -11.36 1.22
CA LYS A 120 7.41 -12.44 0.92
C LYS A 120 8.36 -12.75 2.06
N TYR A 121 9.12 -13.81 1.94
CA TYR A 121 10.14 -14.18 2.89
C TYR A 121 11.21 -13.05 2.81
N ASP A 122 12.11 -13.01 3.75
CA ASP A 122 13.24 -12.05 3.71
C ASP A 122 14.53 -12.82 3.95
N ALA A 123 15.38 -12.96 2.94
CA ALA A 123 16.59 -13.79 3.05
C ALA A 123 17.62 -13.22 4.04
N SER A 124 17.53 -11.96 4.39
CA SER A 124 18.50 -11.38 5.36
C SER A 124 18.32 -11.91 6.76
N GLY A 125 17.12 -12.46 7.12
CA GLY A 125 16.94 -12.91 8.52
C GLY A 125 16.35 -11.78 9.35
N ALA A 126 16.17 -10.58 8.78
CA ALA A 126 15.64 -9.46 9.52
C ALA A 126 14.22 -9.68 10.04
N LEU A 127 13.38 -10.45 9.37
CA LEU A 127 12.00 -10.64 9.84
C LEU A 127 11.80 -11.90 10.64
N ASP A 128 12.81 -12.69 11.00
CA ASP A 128 12.57 -14.01 11.61
C ASP A 128 11.76 -13.98 12.90
N ASN A 129 11.90 -12.93 13.73
CA ASN A 129 11.17 -12.86 14.97
C ASN A 129 10.25 -11.66 15.05
N TYR A 130 9.88 -11.18 13.88
CA TYR A 130 9.03 -9.98 13.76
C TYR A 130 7.61 -10.44 14.09
N ASN A 131 6.94 -9.64 14.93
CA ASN A 131 5.57 -10.03 15.30
C ASN A 131 4.77 -8.79 15.59
N GLY A 132 3.59 -8.67 15.03
CA GLY A 132 2.77 -7.51 15.28
C GLY A 132 1.42 -7.89 15.88
N ILE A 133 0.73 -6.88 16.40
CA ILE A 133 -0.64 -7.04 16.91
C ILE A 133 -1.44 -5.89 16.27
N ALA A 134 -2.57 -6.16 15.66
CA ALA A 134 -3.33 -5.01 15.12
C ALA A 134 -4.80 -5.12 15.59
N VAL A 135 -5.47 -3.99 15.71
CA VAL A 135 -6.88 -3.99 16.10
C VAL A 135 -7.59 -2.99 15.18
N THR A 136 -8.61 -3.46 14.51
CA THR A 136 -9.44 -2.58 13.67
C THR A 136 -10.91 -2.60 14.19
N TYR A 137 -11.56 -1.49 13.93
CA TYR A 137 -12.97 -1.34 14.28
C TYR A 137 -13.67 -0.36 13.36
N SER A 138 -14.67 -0.85 12.64
CA SER A 138 -15.47 -0.09 11.70
C SER A 138 -16.84 0.18 12.31
N ILE A 139 -17.12 1.45 12.51
CA ILE A 139 -18.37 1.94 13.10
C ILE A 139 -19.04 3.02 12.26
N SER A 140 -20.12 2.64 11.56
CA SER A 140 -20.90 3.58 10.78
C SER A 140 -20.07 4.47 9.85
N GLY A 141 -19.38 3.84 8.90
CA GLY A 141 -18.56 4.55 7.95
C GLY A 141 -17.22 5.08 8.45
N VAL A 142 -16.97 5.00 9.74
CA VAL A 142 -15.71 5.37 10.39
C VAL A 142 -14.85 4.16 10.75
N ASN A 143 -13.58 4.13 10.38
CA ASN A 143 -12.70 3.01 10.72
C ASN A 143 -11.57 3.53 11.61
N LEU A 144 -11.33 2.82 12.70
CA LEU A 144 -10.29 3.03 13.65
C LEU A 144 -9.21 1.95 13.31
N TYR A 145 -7.95 2.28 13.28
CA TYR A 145 -6.92 1.28 13.08
C TYR A 145 -5.82 1.47 14.12
N LEU A 146 -5.38 0.40 14.75
CA LEU A 146 -4.27 0.49 15.67
C LEU A 146 -3.28 -0.66 15.41
N SER A 147 -1.99 -0.36 15.43
CA SER A 147 -1.05 -1.46 15.18
C SER A 147 0.16 -1.24 16.10
N TYR A 148 0.72 -2.35 16.48
CA TYR A 148 1.92 -2.43 17.28
C TYR A 148 2.84 -3.48 16.66
N VAL A 149 4.03 -3.12 16.29
CA VAL A 149 4.93 -4.08 15.62
C VAL A 149 6.22 -4.15 16.40
N ASP A 150 6.57 -5.35 16.80
CA ASP A 150 7.86 -5.56 17.49
C ASP A 150 8.78 -6.29 16.50
N PRO A 151 9.87 -5.66 16.05
CA PRO A 151 10.79 -6.24 15.11
C PRO A 151 11.46 -7.50 15.55
N ASP A 152 11.64 -7.75 16.83
CA ASP A 152 12.24 -8.97 17.32
C ASP A 152 11.62 -9.23 18.69
N GLN A 153 10.52 -10.03 18.69
CA GLN A 153 9.86 -10.26 19.98
C GLN A 153 10.61 -11.14 20.95
N THR A 154 11.69 -11.82 20.63
CA THR A 154 12.37 -12.71 21.51
C THR A 154 13.35 -11.92 22.43
N VAL A 155 13.80 -10.78 21.99
CA VAL A 155 14.85 -10.03 22.75
C VAL A 155 14.22 -9.09 23.73
N ASP A 156 14.87 -8.85 24.90
CA ASP A 156 14.31 -7.94 25.90
C ASP A 156 13.79 -6.67 25.24
N SER A 157 12.61 -6.20 25.54
CA SER A 157 12.00 -5.06 24.91
C SER A 157 12.65 -3.70 25.05
N SER A 158 13.52 -3.48 26.02
CA SER A 158 14.19 -2.18 26.19
C SER A 158 15.35 -2.08 25.23
N LEU A 159 15.70 -3.21 24.60
CA LEU A 159 16.74 -3.23 23.61
C LEU A 159 16.23 -3.11 22.17
N VAL A 160 14.92 -3.10 21.95
CA VAL A 160 14.38 -3.03 20.59
C VAL A 160 13.45 -1.83 20.46
N THR A 161 13.36 -1.26 19.28
CA THR A 161 12.44 -0.11 19.10
C THR A 161 11.16 -0.65 18.48
N GLU A 162 10.03 -0.54 19.13
CA GLU A 162 8.77 -1.03 18.59
C GLU A 162 7.99 0.11 17.93
N GLU A 163 7.23 -0.24 16.89
CA GLU A 163 6.48 0.77 16.16
C GLU A 163 5.04 0.82 16.61
N PHE A 164 4.51 2.01 16.86
CA PHE A 164 3.11 2.13 17.29
C PHE A 164 2.36 3.04 16.32
N GLY A 165 1.23 2.59 15.82
CA GLY A 165 0.56 3.45 14.82
C GLY A 165 -0.90 3.57 15.18
N ILE A 166 -1.47 4.67 14.75
CA ILE A 166 -2.94 4.83 14.92
C ILE A 166 -3.47 5.50 13.69
N ALA A 167 -4.69 5.24 13.28
CA ALA A 167 -5.26 5.89 12.13
C ALA A 167 -6.79 5.86 12.19
N ALA A 168 -7.40 6.80 11.48
CA ALA A 168 -8.85 6.80 11.29
C ALA A 168 -9.23 7.43 9.96
N ASP A 169 -10.32 6.94 9.41
CA ASP A 169 -10.91 7.53 8.21
C ASP A 169 -12.44 7.56 8.36
N TRP A 170 -13.02 8.43 7.55
CA TRP A 170 -14.45 8.71 7.65
C TRP A 170 -14.93 9.19 6.29
N SER A 171 -16.12 8.70 5.96
CA SER A 171 -16.64 9.06 4.64
C SER A 171 -18.16 9.12 4.64
N ASN A 172 -18.72 10.03 3.85
CA ASN A 172 -20.15 9.99 3.52
C ASN A 172 -20.18 9.81 2.00
N ASP A 173 -21.22 10.22 1.30
CA ASP A 173 -21.20 10.01 -0.16
C ASP A 173 -20.27 10.94 -0.94
N MET A 174 -20.09 12.15 -0.47
CA MET A 174 -19.31 13.19 -1.10
C MET A 174 -17.93 13.55 -0.59
N ILE A 175 -17.69 13.51 0.71
CA ILE A 175 -16.44 13.89 1.31
C ILE A 175 -15.82 12.70 2.05
N SER A 176 -14.49 12.60 2.07
CA SER A 176 -13.77 11.65 2.88
C SER A 176 -12.59 12.37 3.56
N LEU A 177 -12.34 11.99 4.79
CA LEU A 177 -11.27 12.49 5.60
C LEU A 177 -10.49 11.29 6.20
N ALA A 178 -9.17 11.44 6.29
CA ALA A 178 -8.35 10.38 6.85
C ALA A 178 -7.14 10.98 7.56
N ALA A 179 -6.64 10.33 8.56
CA ALA A 179 -5.46 10.79 9.28
C ALA A 179 -4.75 9.59 9.89
N ALA A 180 -3.45 9.66 10.00
CA ALA A 180 -2.67 8.59 10.59
C ALA A 180 -1.44 9.18 11.27
N TYR A 181 -0.97 8.50 12.28
CA TYR A 181 0.24 8.90 12.99
C TYR A 181 0.97 7.67 13.45
N THR A 182 2.24 7.54 13.27
CA THR A 182 3.02 6.38 13.67
C THR A 182 4.33 6.82 14.31
N THR A 183 4.66 6.32 15.49
CA THR A 183 5.89 6.74 16.15
C THR A 183 6.94 5.65 15.99
N ASP A 184 8.18 6.06 15.76
CA ASP A 184 9.30 5.14 15.61
C ASP A 184 8.99 4.19 14.42
N ALA A 185 8.50 4.80 13.36
CA ALA A 185 8.10 4.09 12.16
C ALA A 185 9.27 3.31 11.61
N GLY A 186 8.97 2.04 11.29
CA GLY A 186 9.97 1.16 10.70
C GLY A 186 11.01 0.70 11.71
N GLY A 187 10.75 0.91 13.01
CA GLY A 187 11.71 0.51 14.01
C GLY A 187 12.87 1.53 14.13
N ILE A 188 12.73 2.73 13.59
CA ILE A 188 13.79 3.76 13.64
C ILE A 188 13.44 4.80 14.69
N VAL A 189 14.31 4.92 15.71
CA VAL A 189 14.03 5.89 16.79
C VAL A 189 13.80 7.26 16.22
N ASP A 190 12.78 7.96 16.65
CA ASP A 190 12.41 9.29 16.28
C ASP A 190 11.88 9.49 14.88
N ASN A 191 11.61 8.41 14.16
CA ASN A 191 11.05 8.53 12.79
C ASN A 191 9.53 8.58 12.94
N ASP A 192 9.01 9.68 13.43
CA ASP A 192 7.58 9.84 13.67
C ASP A 192 6.93 10.46 12.43
N ILE A 193 5.98 9.74 11.87
CA ILE A 193 5.41 10.16 10.59
C ILE A 193 3.91 10.41 10.75
N ALA A 194 3.35 11.23 9.86
CA ALA A 194 1.93 11.56 10.01
C ALA A 194 1.34 11.81 8.62
N PHE A 195 0.05 11.69 8.51
CA PHE A 195 -0.68 11.80 7.28
C PHE A 195 -2.04 12.43 7.57
N VAL A 196 -2.41 13.39 6.77
CA VAL A 196 -3.76 13.96 6.83
C VAL A 196 -4.23 14.06 5.37
N GLY A 197 -5.41 13.49 5.10
CA GLY A 197 -5.91 13.57 3.74
C GLY A 197 -7.39 13.89 3.65
N ALA A 198 -7.78 14.40 2.50
CA ALA A 198 -9.21 14.65 2.26
C ALA A 198 -9.49 14.50 0.78
N ALA A 199 -10.71 14.11 0.44
CA ALA A 199 -11.13 13.91 -0.93
C ALA A 199 -12.59 14.39 -1.08
N TYR A 200 -12.85 14.90 -2.26
CA TYR A 200 -14.17 15.42 -2.56
C TYR A 200 -14.71 14.78 -3.83
N LYS A 201 -15.84 14.13 -3.68
CA LYS A 201 -16.54 13.55 -4.85
C LYS A 201 -17.38 14.70 -5.43
N PHE A 202 -16.94 15.21 -6.57
CA PHE A 202 -17.53 16.43 -7.15
C PHE A 202 -18.49 16.07 -8.27
N ASN A 203 -18.73 14.78 -8.39
CA ASN A 203 -19.65 14.25 -9.41
C ASN A 203 -19.77 12.76 -9.13
N ASP A 204 -20.75 12.06 -9.70
CA ASP A 204 -20.83 10.60 -9.58
C ASP A 204 -19.60 9.95 -10.21
N ALA A 205 -19.10 10.70 -11.18
CA ALA A 205 -18.00 10.42 -12.02
C ALA A 205 -16.58 10.84 -11.56
N GLY A 206 -16.40 11.92 -10.81
CA GLY A 206 -15.00 12.33 -10.52
C GLY A 206 -14.70 12.68 -9.09
N THR A 207 -13.41 12.59 -8.73
CA THR A 207 -12.95 12.91 -7.39
C THR A 207 -11.65 13.68 -7.41
N VAL A 208 -11.44 14.56 -6.43
CA VAL A 208 -10.23 15.35 -6.33
C VAL A 208 -9.79 15.21 -4.86
N GLY A 209 -8.50 15.04 -4.63
CA GLY A 209 -8.05 14.88 -3.26
C GLY A 209 -6.72 15.57 -3.01
N LEU A 210 -6.45 15.70 -1.73
CA LEU A 210 -5.22 16.29 -1.26
C LEU A 210 -4.71 15.49 -0.08
N ASN A 211 -3.48 15.02 -0.18
CA ASN A 211 -2.83 14.29 0.91
C ASN A 211 -1.60 15.09 1.35
N TRP A 212 -1.39 15.18 2.65
CA TRP A 212 -0.27 15.85 3.25
C TRP A 212 0.49 14.88 4.16
N TYR A 213 1.81 14.93 4.12
CA TYR A 213 2.61 14.03 4.96
C TYR A 213 3.78 14.71 5.65
N ASP A 214 4.01 14.23 6.86
CA ASP A 214 5.23 14.51 7.62
C ASP A 214 6.01 13.19 7.45
N ASN A 215 7.09 13.18 6.69
CA ASN A 215 7.86 12.01 6.35
C ASN A 215 8.93 11.68 7.34
N GLY A 216 8.83 12.19 8.57
CA GLY A 216 9.76 11.85 9.63
C GLY A 216 11.23 12.09 9.34
N LEU A 217 12.09 11.09 9.49
CA LEU A 217 13.51 11.27 9.21
C LEU A 217 13.87 11.17 7.74
N SER A 218 12.94 10.90 6.83
CA SER A 218 13.32 10.82 5.43
C SER A 218 13.94 12.13 4.91
N THR A 219 14.80 12.10 3.90
CA THR A 219 15.29 13.36 3.36
C THR A 219 14.26 14.13 2.58
N ALA A 220 13.09 13.53 2.30
CA ALA A 220 12.10 14.24 1.51
C ALA A 220 11.49 15.45 2.21
N GLY A 221 11.38 15.39 3.52
CA GLY A 221 10.73 16.41 4.33
C GLY A 221 9.22 16.30 4.13
N ASP A 222 8.46 17.31 4.51
CA ASP A 222 7.03 17.34 4.32
C ASP A 222 6.67 17.23 2.84
N GLN A 223 5.48 16.69 2.60
CA GLN A 223 5.07 16.42 1.22
C GLN A 223 3.60 16.72 1.02
N VAL A 224 3.27 17.19 -0.19
CA VAL A 224 1.86 17.41 -0.49
C VAL A 224 1.59 16.81 -1.87
N THR A 225 0.46 16.10 -1.95
CA THR A 225 0.05 15.44 -3.19
C THR A 225 -1.40 15.86 -3.47
N LEU A 226 -1.59 16.39 -4.64
CA LEU A 226 -2.89 16.76 -5.17
C LEU A 226 -3.18 15.78 -6.31
N TYR A 227 -4.34 15.10 -6.23
CA TYR A 227 -4.64 14.16 -7.30
C TYR A 227 -6.11 14.21 -7.65
N GLY A 228 -6.41 13.64 -8.80
CA GLY A 228 -7.81 13.58 -9.25
C GLY A 228 -8.02 12.44 -10.26
N ASN A 229 -9.27 12.04 -10.39
CA ASN A 229 -9.58 10.99 -11.35
C ASN A 229 -11.00 11.25 -11.87
N TYR A 230 -11.22 10.80 -13.11
CA TYR A 230 -12.54 11.03 -13.68
C TYR A 230 -12.91 9.86 -14.58
N ALA A 231 -14.11 9.32 -14.37
CA ALA A 231 -14.57 8.18 -15.14
C ALA A 231 -15.56 8.52 -16.25
N PHE A 232 -15.28 8.08 -17.45
CA PHE A 232 -16.02 8.21 -18.66
C PHE A 232 -16.40 6.80 -19.15
N GLY A 233 -17.50 6.27 -18.67
CA GLY A 233 -17.91 4.91 -19.07
C GLY A 233 -16.92 3.90 -18.48
N ALA A 234 -16.26 3.10 -19.31
CA ALA A 234 -15.34 2.10 -18.78
C ALA A 234 -13.92 2.62 -18.60
N THR A 235 -13.67 3.84 -19.06
CA THR A 235 -12.34 4.45 -18.96
C THR A 235 -12.20 5.42 -17.82
N THR A 236 -11.15 5.33 -17.04
CA THR A 236 -10.89 6.26 -15.95
C THR A 236 -9.61 7.04 -16.25
N VAL A 237 -9.63 8.36 -16.14
CA VAL A 237 -8.39 9.13 -16.35
C VAL A 237 -7.90 9.55 -14.96
N ARG A 238 -6.60 9.54 -14.73
CA ARG A 238 -6.04 9.89 -13.43
C ARG A 238 -4.86 10.85 -13.59
N ALA A 239 -4.66 11.69 -12.58
CA ALA A 239 -3.54 12.61 -12.61
C ALA A 239 -3.13 12.95 -11.20
N TYR A 240 -1.91 13.45 -11.01
CA TYR A 240 -1.45 13.91 -9.71
C TYR A 240 -0.23 14.82 -9.92
N VAL A 241 0.06 15.63 -8.93
CA VAL A 241 1.25 16.49 -8.89
C VAL A 241 1.67 16.35 -7.43
N SER A 242 2.95 16.23 -7.12
CA SER A 242 3.36 16.11 -5.73
C SER A 242 4.62 16.98 -5.54
N ASP A 243 4.78 17.58 -4.38
CA ASP A 243 5.92 18.37 -4.02
C ASP A 243 6.49 17.93 -2.66
N ILE A 244 7.82 17.90 -2.58
CA ILE A 244 8.44 17.58 -1.29
C ILE A 244 9.30 18.81 -0.86
N ASP A 245 9.65 18.90 0.39
CA ASP A 245 10.51 19.97 0.89
C ASP A 245 11.99 19.82 0.53
N ARG A 246 12.54 18.65 0.25
CA ARG A 246 13.94 18.51 -0.05
C ARG A 246 14.40 19.61 -1.05
N ALA A 247 15.48 20.25 -0.62
CA ALA A 247 16.04 21.35 -1.43
C ALA A 247 16.43 20.87 -2.82
N GLY A 248 16.02 21.57 -3.84
CA GLY A 248 16.40 21.25 -5.20
C GLY A 248 15.47 20.23 -5.88
N ALA A 249 14.53 19.64 -5.15
CA ALA A 249 13.68 18.61 -5.81
C ALA A 249 12.77 19.20 -6.86
N ASP A 250 12.49 18.46 -7.93
CA ASP A 250 11.52 18.87 -8.95
C ASP A 250 10.10 18.56 -8.45
N THR A 251 9.10 19.12 -9.06
CA THR A 251 7.71 18.72 -8.80
C THR A 251 7.46 17.44 -9.57
N ALA A 252 6.94 16.42 -8.92
CA ALA A 252 6.62 15.14 -9.52
C ALA A 252 5.19 15.23 -10.08
N TYR A 253 4.96 14.49 -11.15
CA TYR A 253 3.64 14.49 -11.73
C TYR A 253 3.40 13.20 -12.52
N GLY A 254 2.10 12.92 -12.68
CA GLY A 254 1.77 11.72 -13.46
C GLY A 254 0.39 11.82 -14.10
N ILE A 255 0.23 11.14 -15.21
CA ILE A 255 -1.01 11.08 -15.95
C ILE A 255 -1.21 9.63 -16.38
N GLY A 256 -2.40 9.10 -16.19
CA GLY A 256 -2.62 7.72 -16.65
C GLY A 256 -4.10 7.47 -16.89
N ALA A 257 -4.33 6.22 -17.32
CA ALA A 257 -5.71 5.80 -17.58
C ALA A 257 -5.88 4.31 -17.26
N ASP A 258 -7.10 3.99 -16.89
CA ASP A 258 -7.53 2.62 -16.71
C ASP A 258 -8.73 2.34 -17.64
N TYR A 259 -8.73 1.12 -18.15
CA TYR A 259 -9.85 0.68 -18.98
C TYR A 259 -10.36 -0.67 -18.44
N GLN A 260 -11.60 -0.65 -18.03
CA GLN A 260 -12.27 -1.84 -17.45
C GLN A 260 -12.80 -2.70 -18.60
N PHE A 261 -11.97 -3.58 -19.07
CA PHE A 261 -12.22 -4.48 -20.17
C PHE A 261 -13.40 -5.43 -19.85
N ALA A 262 -13.47 -5.91 -18.64
CA ALA A 262 -14.50 -6.87 -18.22
C ALA A 262 -14.43 -6.95 -16.71
N GLU A 263 -15.34 -7.63 -16.05
CA GLU A 263 -15.29 -7.80 -14.62
C GLU A 263 -13.97 -8.53 -14.27
N GLY A 264 -13.16 -8.02 -13.38
CA GLY A 264 -11.91 -8.74 -13.09
C GLY A 264 -10.76 -8.45 -14.04
N VAL A 265 -10.89 -7.68 -15.12
CA VAL A 265 -9.80 -7.46 -16.05
C VAL A 265 -9.64 -5.94 -16.32
N LYS A 266 -8.47 -5.41 -15.97
CA LYS A 266 -8.30 -3.95 -16.09
C LYS A 266 -7.03 -3.66 -16.86
N VAL A 267 -7.09 -2.85 -17.91
CA VAL A 267 -5.89 -2.50 -18.69
C VAL A 267 -5.43 -1.12 -18.26
N SER A 268 -4.19 -0.91 -17.81
CA SER A 268 -3.84 0.42 -17.33
C SER A 268 -2.47 0.81 -17.86
N GLY A 269 -2.25 2.12 -17.87
CA GLY A 269 -0.99 2.69 -18.33
C GLY A 269 -0.77 4.06 -17.65
N SER A 270 0.50 4.50 -17.65
CA SER A 270 0.80 5.79 -17.07
C SER A 270 2.11 6.29 -17.59
N VAL A 271 2.31 7.60 -17.44
CA VAL A 271 3.57 8.28 -17.78
C VAL A 271 3.81 9.15 -16.54
N GLN A 272 4.95 9.03 -15.88
CA GLN A 272 5.21 9.80 -14.69
C GLN A 272 6.62 10.40 -14.64
N SER A 273 6.76 11.46 -13.84
CA SER A 273 8.07 12.16 -13.72
C SER A 273 8.32 12.37 -12.23
N GLY A 274 9.47 11.97 -11.70
CA GLY A 274 9.73 12.03 -10.29
C GLY A 274 10.45 13.27 -9.78
N PHE A 275 10.80 13.23 -8.50
CA PHE A 275 11.46 14.33 -7.79
C PHE A 275 12.89 14.58 -8.26
N ALA A 276 13.53 13.59 -8.84
CA ALA A 276 14.89 13.73 -9.38
C ALA A 276 14.83 13.70 -10.89
N ASN A 277 13.70 14.12 -11.46
CA ASN A 277 13.50 14.08 -12.89
C ASN A 277 13.49 12.68 -13.53
N GLU A 278 13.29 11.60 -12.79
CA GLU A 278 13.22 10.28 -13.44
C GLU A 278 11.96 10.26 -14.36
N THR A 279 12.02 9.61 -15.48
CA THR A 279 10.94 9.45 -16.39
C THR A 279 10.56 7.94 -16.44
N VAL A 280 9.32 7.64 -16.05
CA VAL A 280 8.88 6.24 -16.03
C VAL A 280 7.56 6.08 -16.78
N ALA A 281 7.34 4.96 -17.44
CA ALA A 281 6.06 4.74 -18.12
C ALA A 281 5.71 3.23 -18.07
N ASP A 282 4.41 2.96 -18.10
CA ASP A 282 4.03 1.53 -18.08
C ASP A 282 2.76 1.33 -18.88
N VAL A 283 2.55 0.12 -19.35
CA VAL A 283 1.27 -0.27 -19.96
C VAL A 283 1.11 -1.79 -19.72
N GLY A 284 -0.01 -2.21 -19.17
CA GLY A 284 -0.21 -3.63 -18.93
C GLY A 284 -1.63 -3.97 -18.50
N VAL A 285 -1.79 -5.21 -18.07
CA VAL A 285 -3.11 -5.73 -17.73
C VAL A 285 -3.02 -6.50 -16.42
N ARG A 286 -4.11 -6.34 -15.66
CA ARG A 286 -4.29 -7.10 -14.44
C ARG A 286 -5.59 -7.92 -14.54
N PHE A 287 -5.58 -9.17 -14.13
CA PHE A 287 -6.74 -10.02 -14.10
C PHE A 287 -6.83 -10.74 -12.76
N ASP A 288 -8.03 -10.67 -12.15
CA ASP A 288 -8.29 -11.18 -10.83
C ASP A 288 -8.97 -12.55 -10.95
N PHE A 289 -8.56 -13.50 -10.13
CA PHE A 289 -9.11 -14.85 -10.21
C PHE A 289 -9.32 -15.46 -8.85
C1 C8E B . 11.64 -21.07 3.87
C2 C8E B . 11.02 -20.63 2.63
C3 C8E B . 11.96 -20.45 1.52
C4 C8E B . 12.52 -19.11 1.60
C5 C8E B . 13.98 -19.35 1.84
C6 C8E B . 14.73 -18.82 0.75
C7 C8E B . 16.02 -18.66 1.39
C8 C8E B . 17.01 -18.31 0.38
O9 C8E B . 18.23 -17.67 0.67
C10 C8E B . 19.19 -18.28 1.50
C11 C8E B . 20.26 -17.27 1.82
O12 C8E B . 20.85 -16.70 0.60
C13 C8E B . 20.40 -15.37 0.16
C14 C8E B . 19.39 -15.12 -1.00
O15 C8E B . 19.32 -14.02 -1.97
C16 C8E B . 18.25 -13.12 -1.67
C17 C8E B . 16.80 -13.58 -1.89
O18 C8E B . 15.64 -12.74 -1.92
C19 C8E B . 15.67 -11.54 -2.78
C20 C8E B . 14.91 -11.37 -4.15
O21 C8E B . 13.64 -12.06 -4.32
C1 C8E C . 9.26 -12.16 -30.73
C2 C8E C . 8.88 -10.83 -30.19
C3 C8E C . 9.90 -9.83 -30.54
C4 C8E C . 10.93 -9.85 -29.49
C5 C8E C . 10.91 -8.49 -28.88
C6 C8E C . 10.59 -8.68 -27.47
C7 C8E C . 10.07 -7.38 -27.15
C8 C8E C . 9.08 -7.43 -26.07
O9 C8E C . 7.77 -6.88 -26.14
C10 C8E C . 7.11 -6.70 -27.37
C11 C8E C . 5.63 -6.72 -27.13
O12 C8E C . 5.13 -8.02 -26.78
C13 C8E C . 4.88 -8.56 -25.51
C14 C8E C . 4.27 -8.26 -24.16
O15 C8E C . 3.02 -8.47 -23.46
C16 C8E C . 2.62 -7.20 -22.91
C17 C8E C . 1.90 -6.19 -23.83
O18 C8E C . 1.15 -5.05 -23.40
C19 C8E C . 0.00 -5.36 -22.56
C20 C8E C . -1.51 -5.12 -22.95
O21 C8E C . -1.85 -3.78 -23.37
C1 C8E D . 8.82 9.23 -22.97
C2 C8E D . 7.53 8.65 -22.54
C3 C8E D . 7.02 7.58 -23.40
C4 C8E D . 7.86 6.40 -23.21
C5 C8E D . 8.30 6.12 -24.63
C6 C8E D . 9.23 5.03 -24.60
C7 C8E D . 8.51 4.05 -25.37
C8 C8E D . 8.68 2.66 -24.97
O9 C8E D . 7.43 1.97 -24.57
C10 C8E D . 7.48 1.66 -23.20
C11 C8E D . 6.16 1.01 -22.84
O12 C8E D . 5.51 2.02 -22.01
C13 C8E D . 4.12 2.31 -22.28
C14 C8E D . 3.60 3.77 -22.52
O15 C8E D . 2.54 4.07 -23.49
C16 C8E D . 1.27 4.21 -22.76
C17 C8E D . 0.97 5.65 -22.38
O18 C8E D . 0.26 6.14 -21.25
C19 C8E D . -1.16 6.39 -21.43
C20 C8E D . -1.87 7.73 -20.98
O21 C8E D . -1.42 8.95 -21.56
#